data_8FZ2
#
_entry.id   8FZ2
#
_cell.length_a   144.069
_cell.length_b   144.069
_cell.length_c   149.445
_cell.angle_alpha   90.000
_cell.angle_beta   90.000
_cell.angle_gamma   120.000
#
_symmetry.space_group_name_H-M   'H 3 2'
#
loop_
_entity.id
_entity.type
_entity.pdbx_description
1 polymer 'Fab460, L chain'
2 polymer 'Fab460, H chain'
3 polymer 'Transmembrane protein gp41'
#
loop_
_entity_poly.entity_id
_entity_poly.type
_entity_poly.pdbx_seq_one_letter_code
_entity_poly.pdbx_strand_id
1 'polypeptide(L)'
;QIVLTQSPAVMSASPGERVTMTCSASSSVSYMYWYQQKPRSSPKPWIYLTSNLASGVPARFSGSGSGTSYSLTISSMEAE
DAATYYCQQWSSIPLTFGAGTKLELKRTVAAPSVFIFPPSDEQLKSGTASVVCLLNNFYPREAKVQWKVDNALQSGNSQE
SVTEQDSKDSTYSLSSTLTLSKADYEKHKVYACEVTHQGLSSPVTKSFNRGECE
;
L
2 'polypeptide(L)'
;EVQLQQSGAELVKPGASVKLSCTASGFNIKDTYMHWVKQRPEQGLEWIGRIDPANGNTKYDPKFQGKATITADTSSNTAY
LQLSSLTSEDTAVYFCTRSRGYFGNYYFDYWGQGTTLTVSSASTKGPSVFPLAPSSKSTSGGTAALGCLVKDYFPEPVTV
SWNSGALTSGVHTFPAVLQSSGLYSLSSVVTVPSSSLGTQTYICNVNHKPSNTKVDKRVEPKSCD
;
H
3 'polypeptide(L)' KKDLLELDKWASLWNWFDITNKK P
#
# COMPACT_ATOMS: atom_id res chain seq x y z
N GLN A 1 -3.53 19.31 19.27
CA GLN A 1 -3.64 17.98 18.67
C GLN A 1 -2.36 17.17 18.91
N ILE A 2 -2.48 16.10 19.69
CA ILE A 2 -1.34 15.24 20.00
C ILE A 2 -1.08 14.35 18.79
N VAL A 3 0.07 14.55 18.16
CA VAL A 3 0.45 13.79 16.97
C VAL A 3 1.56 12.82 17.35
N LEU A 4 1.75 11.81 16.51
CA LEU A 4 2.70 10.72 16.75
C LEU A 4 3.78 10.76 15.68
N THR A 5 4.99 11.11 16.08
CA THR A 5 6.15 11.04 15.19
C THR A 5 6.85 9.69 15.43
N GLN A 6 6.77 8.82 14.44
CA GLN A 6 7.21 7.44 14.58
C GLN A 6 8.58 7.25 13.92
N SER A 7 9.41 6.41 14.54
CA SER A 7 10.78 6.22 14.09
C SER A 7 11.31 4.92 14.67
N PRO A 8 12.27 4.26 13.99
CA PRO A 8 12.84 4.62 12.69
C PRO A 8 11.92 4.26 11.52
N ALA A 9 11.64 5.23 10.66
CA ALA A 9 10.65 5.03 9.59
C ALA A 9 11.06 3.90 8.66
N VAL A 10 12.29 3.94 8.16
CA VAL A 10 12.81 2.92 7.25
C VAL A 10 13.93 2.16 7.97
N MET A 11 13.83 0.84 7.96
CA MET A 11 14.82 0.01 8.63
C MET A 11 14.87 -1.35 7.94
N SER A 12 15.92 -2.10 8.24
CA SER A 12 16.11 -3.45 7.71
C SER A 12 16.64 -4.35 8.82
N ALA A 13 16.20 -5.60 8.81
CA ALA A 13 16.63 -6.56 9.82
C ALA A 13 16.43 -7.97 9.29
N SER A 14 17.39 -8.85 9.58
CA SER A 14 17.31 -10.24 9.18
C SER A 14 16.59 -11.05 10.25
N PRO A 15 16.52 -12.37 10.11
CA PRO A 15 15.82 -13.18 11.11
C PRO A 15 16.71 -13.50 12.30
N GLY A 16 16.07 -13.62 13.47
CA GLY A 16 16.77 -13.99 14.68
C GLY A 16 17.09 -12.82 15.59
N GLU A 17 17.49 -11.69 15.01
CA GLU A 17 17.86 -10.54 15.80
C GLU A 17 16.63 -9.81 16.33
N ARG A 18 16.83 -9.03 17.38
CA ARG A 18 15.76 -8.26 17.98
C ARG A 18 15.52 -6.97 17.20
N VAL A 19 14.29 -6.49 17.25
CA VAL A 19 13.89 -5.28 16.53
C VAL A 19 13.07 -4.42 17.49
N THR A 20 13.48 -3.17 17.67
CA THR A 20 12.78 -2.23 18.54
C THR A 20 12.49 -0.96 17.76
N MET A 21 11.22 -0.56 17.74
CA MET A 21 10.76 0.63 17.03
C MET A 21 9.89 1.46 17.95
N THR A 22 10.13 2.77 17.96
CA THR A 22 9.45 3.69 18.87
C THR A 22 8.39 4.50 18.14
N CYS A 23 7.58 5.20 18.94
CA CYS A 23 6.53 6.10 18.42
C CYS A 23 6.28 7.14 19.51
N SER A 24 7.00 8.24 19.43
CA SER A 24 6.90 9.30 20.42
C SER A 24 5.80 10.29 20.04
N ALA A 25 5.21 10.91 21.05
CA ALA A 25 4.12 11.86 20.88
C ALA A 25 4.59 13.27 21.20
N SER A 26 3.82 14.24 20.73
CA SER A 26 4.09 15.65 21.04
C SER A 26 3.62 16.03 22.44
N SER A 27 2.80 15.19 23.09
CA SER A 27 2.37 15.43 24.45
C SER A 27 2.17 14.09 25.14
N SER A 28 2.26 14.10 26.47
CA SER A 28 2.22 12.86 27.23
C SER A 28 0.87 12.18 27.08
N VAL A 29 0.90 10.91 26.67
CA VAL A 29 -0.28 10.07 26.57
C VAL A 29 -0.13 8.90 27.55
N SER A 30 -1.23 8.20 27.79
CA SER A 30 -1.27 7.15 28.79
C SER A 30 -1.16 5.75 28.22
N TYR A 31 -1.54 5.54 26.96
CA TYR A 31 -1.43 4.23 26.34
C TYR A 31 -1.11 4.39 24.86
N MET A 32 -0.43 3.38 24.31
CA MET A 32 -0.08 3.34 22.90
C MET A 32 -0.65 2.07 22.29
N TYR A 33 -1.08 2.16 21.03
CA TYR A 33 -1.72 1.05 20.34
C TYR A 33 -1.02 0.83 19.00
N TRP A 34 -0.78 -0.44 18.68
CA TRP A 34 0.02 -0.80 17.51
C TRP A 34 -0.84 -1.57 16.51
N TYR A 35 -0.66 -1.25 15.22
CA TYR A 35 -1.39 -1.87 14.14
C TYR A 35 -0.42 -2.23 13.03
N GLN A 36 -0.47 -3.48 12.57
CA GLN A 36 0.34 -3.94 11.45
C GLN A 36 -0.53 -4.04 10.20
N GLN A 37 -0.05 -3.48 9.09
CA GLN A 37 -0.76 -3.52 7.82
C GLN A 37 0.16 -4.08 6.75
N LYS A 38 -0.19 -5.26 6.24
CA LYS A 38 0.51 -5.83 5.10
C LYS A 38 0.04 -5.16 3.81
N PRO A 39 0.85 -5.21 2.75
CA PRO A 39 0.45 -4.58 1.49
C PRO A 39 -0.83 -5.20 0.94
N ARG A 40 -1.72 -4.34 0.43
CA ARG A 40 -2.98 -4.75 -0.16
C ARG A 40 -3.84 -5.54 0.83
N SER A 41 -3.88 -5.06 2.08
CA SER A 41 -4.67 -5.70 3.10
C SER A 41 -4.99 -4.68 4.20
N SER A 42 -6.09 -4.90 4.90
CA SER A 42 -6.47 -4.01 5.98
C SER A 42 -5.52 -4.14 7.16
N PRO A 43 -5.28 -3.06 7.89
CA PRO A 43 -4.36 -3.12 9.03
C PRO A 43 -4.90 -4.04 10.12
N LYS A 44 -4.08 -5.03 10.49
CA LYS A 44 -4.44 -5.94 11.57
C LYS A 44 -3.95 -5.38 12.90
N PRO A 45 -4.80 -5.33 13.93
CA PRO A 45 -4.35 -4.79 15.22
C PRO A 45 -3.32 -5.70 15.87
N TRP A 46 -2.30 -5.08 16.45
CA TRP A 46 -1.20 -5.84 17.04
C TRP A 46 -1.22 -5.73 18.56
N ILE A 47 -0.75 -4.61 19.10
CA ILE A 47 -0.66 -4.39 20.53
C ILE A 47 -1.68 -3.33 20.93
N TYR A 48 -2.44 -3.61 21.98
CA TYR A 48 -3.34 -2.64 22.59
C TYR A 48 -2.92 -2.39 24.03
N LEU A 49 -3.33 -1.25 24.56
CA LEU A 49 -3.04 -0.85 25.93
C LEU A 49 -1.54 -0.98 26.24
N THR A 50 -0.74 -0.29 25.42
CA THR A 50 0.71 -0.20 25.57
C THR A 50 1.41 -1.53 25.35
N SER A 51 1.01 -2.57 26.08
CA SER A 51 1.74 -3.85 26.04
C SER A 51 0.79 -5.03 26.25
N ASN A 52 -0.26 -5.11 25.44
CA ASN A 52 -1.15 -6.27 25.42
C ASN A 52 -1.31 -6.74 23.99
N LEU A 53 -0.89 -7.98 23.73
CA LEU A 53 -0.95 -8.52 22.38
C LEU A 53 -2.39 -8.88 22.01
N ALA A 54 -2.63 -8.98 20.71
CA ALA A 54 -3.93 -9.36 20.19
C ALA A 54 -4.03 -10.89 20.14
N SER A 55 -5.06 -11.39 19.46
CA SER A 55 -5.29 -12.84 19.43
C SER A 55 -4.19 -13.56 18.65
N GLY A 56 -3.94 -13.13 17.42
CA GLY A 56 -3.01 -13.80 16.54
C GLY A 56 -1.58 -13.26 16.56
N VAL A 57 -1.25 -12.37 17.49
CA VAL A 57 0.11 -11.82 17.53
C VAL A 57 1.01 -12.80 18.27
N PRO A 58 2.17 -13.15 17.70
CA PRO A 58 3.08 -14.06 18.41
C PRO A 58 3.64 -13.42 19.67
N ALA A 59 3.91 -14.25 20.67
CA ALA A 59 4.39 -13.77 21.96
C ALA A 59 5.77 -13.14 21.89
N ARG A 60 6.48 -13.29 20.76
CA ARG A 60 7.78 -12.65 20.61
C ARG A 60 7.65 -11.14 20.55
N PHE A 61 6.51 -10.62 20.12
CA PHE A 61 6.26 -9.19 20.14
C PHE A 61 5.95 -8.72 21.55
N SER A 62 6.22 -7.45 21.82
CA SER A 62 5.96 -6.85 23.11
C SER A 62 6.12 -5.34 23.00
N GLY A 63 5.32 -4.61 23.78
CA GLY A 63 5.40 -3.17 23.86
C GLY A 63 5.80 -2.72 25.24
N SER A 64 6.13 -1.42 25.34
CA SER A 64 6.53 -0.82 26.60
C SER A 64 6.60 0.69 26.41
N GLY A 65 6.75 1.40 27.52
CA GLY A 65 6.91 2.83 27.52
C GLY A 65 5.96 3.51 28.48
N SER A 66 6.08 4.84 28.53
CA SER A 66 5.27 5.67 29.41
C SER A 66 5.39 7.13 28.97
N GLY A 67 4.28 7.85 29.02
CA GLY A 67 4.26 9.25 28.65
C GLY A 67 4.33 9.46 27.15
N THR A 68 5.42 10.05 26.67
CA THR A 68 5.69 10.11 25.24
C THR A 68 6.60 9.00 24.77
N SER A 69 7.38 8.41 25.67
CA SER A 69 8.19 7.24 25.35
C SER A 69 7.28 6.04 25.15
N TYR A 70 7.19 5.54 23.92
CA TYR A 70 6.36 4.39 23.59
C TYR A 70 6.97 3.68 22.40
N SER A 71 7.05 2.35 22.48
CA SER A 71 7.77 1.58 21.47
C SER A 71 7.15 0.19 21.34
N LEU A 72 7.70 -0.58 20.41
CA LEU A 72 7.34 -1.98 20.19
C LEU A 72 8.63 -2.74 19.93
N THR A 73 8.82 -3.85 20.62
CA THR A 73 10.02 -4.65 20.49
C THR A 73 9.68 -6.09 20.16
N ILE A 74 10.56 -6.73 19.40
CA ILE A 74 10.42 -8.12 18.98
C ILE A 74 11.57 -8.91 19.58
N SER A 75 11.24 -10.03 20.24
CA SER A 75 12.26 -10.86 20.86
C SER A 75 13.24 -11.39 19.81
N SER A 76 12.72 -12.15 18.84
CA SER A 76 13.51 -12.64 17.72
C SER A 76 12.67 -12.49 16.45
N MET A 77 13.20 -11.77 15.47
CA MET A 77 12.43 -11.47 14.27
C MET A 77 12.31 -12.71 13.39
N GLU A 78 11.12 -12.90 12.80
CA GLU A 78 10.86 -13.93 11.82
C GLU A 78 10.63 -13.28 10.45
N ALA A 79 10.11 -14.08 9.51
CA ALA A 79 10.04 -13.63 8.12
C ALA A 79 8.72 -12.94 7.79
N GLU A 80 7.60 -13.43 8.31
CA GLU A 80 6.28 -12.90 7.98
C GLU A 80 5.93 -11.63 8.76
N ASP A 81 6.92 -10.83 9.14
CA ASP A 81 6.68 -9.61 9.90
C ASP A 81 6.95 -8.34 9.09
N ALA A 82 7.48 -8.47 7.88
CA ALA A 82 7.86 -7.31 7.07
C ALA A 82 6.59 -6.60 6.61
N ALA A 83 6.27 -5.50 7.27
CA ALA A 83 5.10 -4.67 6.94
C ALA A 83 5.28 -3.34 7.66
N THR A 84 4.23 -2.52 7.63
CA THR A 84 4.22 -1.25 8.35
C THR A 84 3.47 -1.40 9.66
N TYR A 85 4.00 -0.80 10.72
CA TYR A 85 3.47 -0.95 12.08
C TYR A 85 3.03 0.42 12.59
N TYR A 86 1.85 0.86 12.15
CA TYR A 86 1.34 2.15 12.57
C TYR A 86 0.98 2.14 14.06
N CYS A 87 1.23 3.27 14.73
CA CYS A 87 0.86 3.45 16.12
C CYS A 87 -0.34 4.38 16.23
N GLN A 88 -0.99 4.35 17.38
CA GLN A 88 -2.16 5.19 17.62
C GLN A 88 -2.35 5.37 19.12
N GLN A 89 -2.92 6.50 19.50
CA GLN A 89 -3.28 6.79 20.87
C GLN A 89 -4.78 6.96 20.99
N TRP A 90 -5.27 6.86 22.23
CA TRP A 90 -6.70 7.05 22.54
C TRP A 90 -6.90 8.01 23.70
N SER A 91 -5.90 8.83 24.00
CA SER A 91 -5.96 9.71 25.18
C SER A 91 -6.60 11.06 24.88
N SER A 92 -6.48 11.55 23.66
CA SER A 92 -7.02 12.87 23.32
C SER A 92 -7.63 12.83 21.92
N ILE A 93 -8.64 13.65 21.71
CA ILE A 93 -9.33 13.78 20.43
C ILE A 93 -8.85 15.08 19.78
N PRO A 94 -8.51 15.07 18.48
CA PRO A 94 -8.65 13.98 17.50
C PRO A 94 -7.65 12.84 17.68
N LEU A 95 -8.10 11.63 17.37
CA LEU A 95 -7.20 10.48 17.38
C LEU A 95 -6.25 10.56 16.20
N THR A 96 -4.96 10.45 16.48
CA THR A 96 -3.93 10.56 15.46
C THR A 96 -3.15 9.25 15.35
N PHE A 97 -2.60 9.02 14.16
CA PHE A 97 -1.74 7.88 13.90
C PHE A 97 -0.31 8.37 13.67
N GLY A 98 0.62 7.42 13.69
CA GLY A 98 1.95 7.68 13.19
C GLY A 98 2.07 7.35 11.72
N ALA A 99 3.13 7.85 11.10
CA ALA A 99 3.33 7.54 9.68
C ALA A 99 3.78 6.11 9.45
N GLY A 100 3.99 5.33 10.51
CA GLY A 100 4.35 3.94 10.37
C GLY A 100 5.79 3.72 9.96
N THR A 101 6.40 2.65 10.47
CA THR A 101 7.74 2.25 10.09
C THR A 101 7.66 1.07 9.14
N LYS A 102 8.31 1.19 7.99
CA LYS A 102 8.34 0.10 7.02
C LYS A 102 9.42 -0.89 7.40
N LEU A 103 9.04 -2.14 7.60
CA LEU A 103 9.97 -3.20 8.00
C LEU A 103 10.38 -4.01 6.78
N GLU A 104 11.69 -4.17 6.59
CA GLU A 104 12.23 -4.94 5.48
C GLU A 104 13.16 -6.02 6.02
N LEU A 105 13.42 -7.01 5.17
CA LEU A 105 14.31 -8.12 5.50
C LEU A 105 15.72 -7.83 5.01
N LYS A 106 16.71 -8.27 5.78
CA LYS A 106 18.11 -8.03 5.47
C LYS A 106 18.62 -9.20 4.62
N ARG A 107 18.64 -9.02 3.31
CA ARG A 107 19.15 -10.02 2.39
C ARG A 107 20.64 -9.81 2.14
N THR A 108 21.24 -10.76 1.45
CA THR A 108 22.66 -10.65 1.11
C THR A 108 22.87 -9.60 0.03
N VAL A 109 24.05 -9.00 0.03
CA VAL A 109 24.39 -7.98 -0.95
C VAL A 109 24.40 -8.61 -2.34
N ALA A 110 23.60 -8.07 -3.25
CA ALA A 110 23.50 -8.62 -4.60
C ALA A 110 23.15 -7.51 -5.57
N ALA A 111 23.96 -7.38 -6.62
CA ALA A 111 23.72 -6.42 -7.68
C ALA A 111 22.71 -6.98 -8.69
N PRO A 112 21.98 -6.12 -9.38
CA PRO A 112 20.97 -6.59 -10.34
C PRO A 112 21.58 -6.90 -11.70
N SER A 113 20.72 -7.34 -12.61
CA SER A 113 21.08 -7.60 -13.99
C SER A 113 20.27 -6.65 -14.88
N VAL A 114 20.96 -5.94 -15.76
CA VAL A 114 20.34 -4.90 -16.57
C VAL A 114 19.77 -5.51 -17.84
N PHE A 115 18.62 -4.98 -18.27
CA PHE A 115 17.97 -5.40 -19.50
C PHE A 115 17.23 -4.21 -20.10
N ILE A 116 17.13 -4.19 -21.42
CA ILE A 116 16.55 -3.06 -22.15
C ILE A 116 15.52 -3.60 -23.14
N PHE A 117 14.39 -2.90 -23.25
CA PHE A 117 13.36 -3.19 -24.24
C PHE A 117 13.23 -2.05 -25.23
N PRO A 118 13.09 -2.35 -26.52
CA PRO A 118 13.04 -1.29 -27.54
C PRO A 118 11.63 -1.11 -28.08
N PRO A 119 11.19 0.12 -28.28
CA PRO A 119 9.83 0.34 -28.78
C PRO A 119 9.73 0.02 -30.27
N SER A 120 8.74 -0.81 -30.61
CA SER A 120 8.51 -1.19 -32.00
C SER A 120 7.16 -0.68 -32.48
N SER A 130 8.65 4.33 -26.61
CA SER A 130 8.86 4.11 -25.18
C SER A 130 9.86 2.98 -24.96
N VAL A 131 11.02 3.32 -24.40
CA VAL A 131 12.07 2.35 -24.08
C VAL A 131 11.94 1.98 -22.61
N VAL A 132 11.92 0.68 -22.33
CA VAL A 132 11.73 0.17 -20.97
C VAL A 132 13.02 -0.49 -20.52
N CYS A 133 13.53 -0.06 -19.38
CA CYS A 133 14.71 -0.66 -18.76
C CYS A 133 14.28 -1.45 -17.53
N LEU A 134 15.02 -2.52 -17.22
CA LEU A 134 14.64 -3.44 -16.17
C LEU A 134 15.82 -3.71 -15.23
N LEU A 135 15.54 -3.73 -13.94
CA LEU A 135 16.47 -4.15 -12.91
C LEU A 135 15.83 -5.30 -12.13
N ASN A 136 16.58 -6.37 -11.92
CA ASN A 136 16.02 -7.61 -11.38
C ASN A 136 16.81 -8.06 -10.16
N ASN A 137 16.13 -8.16 -9.02
CA ASN A 137 16.60 -8.91 -7.86
C ASN A 137 17.89 -8.32 -7.29
N PHE A 138 17.78 -7.09 -6.80
CA PHE A 138 18.92 -6.40 -6.19
C PHE A 138 18.59 -6.01 -4.75
N TYR A 139 19.60 -6.13 -3.88
CA TYR A 139 19.51 -5.69 -2.51
C TYR A 139 20.74 -4.87 -2.18
N PRO A 140 20.59 -3.71 -1.52
CA PRO A 140 19.32 -3.13 -1.05
C PRO A 140 18.49 -2.48 -2.16
N ARG A 141 17.48 -1.72 -1.76
CA ARG A 141 16.52 -1.17 -2.72
C ARG A 141 17.01 0.10 -3.41
N GLU A 142 18.04 0.74 -2.88
CA GLU A 142 18.52 1.99 -3.47
C GLU A 142 19.19 1.73 -4.81
N ALA A 143 18.83 2.52 -5.82
CA ALA A 143 19.39 2.39 -7.15
C ALA A 143 19.25 3.72 -7.88
N LYS A 144 20.10 3.90 -8.89
CA LYS A 144 20.11 5.12 -9.70
C LYS A 144 20.09 4.74 -11.16
N VAL A 145 19.09 5.23 -11.90
CA VAL A 145 18.91 4.93 -13.31
C VAL A 145 19.12 6.21 -14.11
N GLN A 146 19.91 6.13 -15.16
CA GLN A 146 20.22 7.28 -16.02
C GLN A 146 20.10 6.85 -17.47
N TRP A 147 19.19 7.48 -18.20
CA TRP A 147 19.02 7.20 -19.62
C TRP A 147 20.02 8.01 -20.44
N LYS A 148 20.52 7.41 -21.52
CA LYS A 148 21.52 8.04 -22.38
C LYS A 148 21.18 7.73 -23.83
N VAL A 149 20.52 8.67 -24.49
CA VAL A 149 20.19 8.57 -25.91
C VAL A 149 21.27 9.33 -26.68
N ASP A 150 22.11 8.59 -27.41
CA ASP A 150 23.26 9.16 -28.11
C ASP A 150 24.19 9.90 -27.14
N ASN A 151 24.49 9.24 -26.02
CA ASN A 151 25.40 9.77 -25.00
C ASN A 151 24.93 11.12 -24.47
N ALA A 152 23.62 11.32 -24.39
CA ALA A 152 23.03 12.56 -23.89
C ALA A 152 22.11 12.23 -22.73
N LEU A 153 22.30 12.92 -21.61
CA LEU A 153 21.49 12.70 -20.42
C LEU A 153 20.10 13.29 -20.57
N SER A 158 11.01 10.23 -17.93
CA SER A 158 10.91 8.83 -17.54
C SER A 158 10.29 8.68 -16.16
N GLN A 159 9.81 7.48 -15.85
CA GLN A 159 9.17 7.20 -14.57
C GLN A 159 9.67 5.87 -14.02
N GLU A 160 10.03 5.86 -12.75
CA GLU A 160 10.53 4.65 -12.10
C GLU A 160 9.39 3.87 -11.46
N SER A 161 9.63 2.58 -11.26
CA SER A 161 8.65 1.70 -10.62
C SER A 161 9.41 0.57 -9.94
N VAL A 162 9.24 0.43 -8.63
CA VAL A 162 9.95 -0.55 -7.82
C VAL A 162 8.94 -1.44 -7.12
N THR A 163 9.14 -2.75 -7.22
CA THR A 163 8.26 -3.71 -6.56
C THR A 163 8.61 -3.81 -5.08
N GLU A 164 7.73 -4.47 -4.34
CA GLU A 164 7.98 -4.71 -2.93
C GLU A 164 9.03 -5.80 -2.75
N GLN A 165 9.44 -6.01 -1.50
CA GLN A 165 10.42 -7.05 -1.20
C GLN A 165 9.81 -8.42 -1.49
N ASP A 166 10.39 -9.13 -2.44
CA ASP A 166 9.82 -10.39 -2.89
C ASP A 166 9.81 -11.41 -1.75
N SER A 167 8.74 -12.20 -1.67
CA SER A 167 8.56 -13.15 -0.58
C SER A 167 9.50 -14.35 -0.69
N LYS A 168 10.14 -14.57 -1.84
CA LYS A 168 10.98 -15.74 -2.01
C LYS A 168 12.44 -15.46 -1.69
N ASP A 169 12.96 -14.28 -2.09
CA ASP A 169 14.37 -13.97 -1.90
C ASP A 169 14.63 -12.61 -1.24
N SER A 170 13.57 -11.86 -0.91
CA SER A 170 13.72 -10.55 -0.27
C SER A 170 14.56 -9.61 -1.13
N THR A 171 14.19 -9.50 -2.41
CA THR A 171 14.90 -8.65 -3.35
C THR A 171 13.89 -7.75 -4.07
N TYR A 172 14.37 -6.59 -4.50
CA TYR A 172 13.55 -5.60 -5.19
C TYR A 172 13.86 -5.60 -6.68
N SER A 173 12.97 -4.98 -7.45
CA SER A 173 13.11 -4.89 -8.89
C SER A 173 12.61 -3.52 -9.36
N LEU A 174 13.36 -2.91 -10.27
CA LEU A 174 13.08 -1.56 -10.74
C LEU A 174 12.64 -1.57 -12.19
N SER A 175 11.84 -0.56 -12.57
CA SER A 175 11.36 -0.41 -13.94
C SER A 175 11.33 1.08 -14.27
N SER A 176 12.22 1.52 -15.15
CA SER A 176 12.25 2.89 -15.64
C SER A 176 11.67 2.92 -17.05
N THR A 177 10.67 3.77 -17.26
CA THR A 177 9.93 3.85 -18.53
C THR A 177 10.25 5.19 -19.19
N LEU A 178 11.18 5.17 -20.14
CA LEU A 178 11.53 6.36 -20.89
C LEU A 178 10.54 6.57 -22.02
N THR A 179 9.75 7.64 -21.93
CA THR A 179 8.75 7.95 -22.94
C THR A 179 9.33 8.95 -23.94
N LEU A 180 9.15 8.66 -25.22
CA LEU A 180 9.63 9.53 -26.28
C LEU A 180 8.70 9.42 -27.48
N SER A 181 8.43 10.56 -28.11
CA SER A 181 7.53 10.59 -29.26
C SER A 181 8.15 9.86 -30.45
N LYS A 182 7.29 9.51 -31.41
CA LYS A 182 7.75 8.83 -32.61
C LYS A 182 8.59 9.73 -33.49
N ALA A 183 8.45 11.05 -33.37
CA ALA A 183 9.27 11.96 -34.17
C ALA A 183 10.70 12.04 -33.63
N ASP A 184 10.85 12.07 -32.31
CA ASP A 184 12.18 12.10 -31.72
C ASP A 184 12.80 10.72 -31.56
N TYR A 185 12.03 9.65 -31.78
CA TYR A 185 12.58 8.31 -31.67
C TYR A 185 13.40 7.92 -32.89
N GLU A 186 13.02 8.41 -34.07
CA GLU A 186 13.75 8.12 -35.29
C GLU A 186 14.84 9.13 -35.60
N LYS A 187 15.01 10.15 -34.76
CA LYS A 187 16.03 11.17 -34.97
C LYS A 187 17.39 10.77 -34.40
N HIS A 188 17.41 9.92 -33.38
CA HIS A 188 18.63 9.49 -32.73
C HIS A 188 18.94 8.04 -33.10
N LYS A 189 20.02 7.51 -32.52
CA LYS A 189 20.47 6.16 -32.84
C LYS A 189 20.57 5.28 -31.61
N VAL A 190 21.67 5.43 -30.85
CA VAL A 190 21.91 4.55 -29.71
C VAL A 190 20.97 4.92 -28.57
N TYR A 191 20.34 3.91 -27.99
CA TYR A 191 19.48 4.07 -26.82
C TYR A 191 19.97 3.13 -25.73
N ALA A 192 20.54 3.69 -24.68
CA ALA A 192 21.17 2.91 -23.61
C ALA A 192 20.52 3.21 -22.28
N CYS A 193 20.77 2.33 -21.31
CA CYS A 193 20.26 2.46 -19.95
C CYS A 193 21.41 2.17 -18.98
N GLU A 194 21.82 3.19 -18.23
CA GLU A 194 22.94 3.08 -17.30
C GLU A 194 22.44 2.97 -15.87
N VAL A 195 23.07 2.08 -15.09
CA VAL A 195 22.68 1.80 -13.72
C VAL A 195 23.92 1.79 -12.85
N THR A 196 23.81 2.35 -11.64
CA THR A 196 24.86 2.31 -10.64
C THR A 196 24.29 1.68 -9.38
N HIS A 197 24.81 0.50 -9.01
CA HIS A 197 24.26 -0.28 -7.92
C HIS A 197 25.01 0.03 -6.63
N GLN A 198 24.75 -0.78 -5.59
CA GLN A 198 25.37 -0.58 -4.28
C GLN A 198 26.70 -1.33 -4.16
N GLY A 199 26.66 -2.66 -4.27
CA GLY A 199 27.87 -3.44 -4.13
C GLY A 199 28.83 -3.25 -5.29
N LEU A 200 28.30 -3.02 -6.49
CA LEU A 200 29.15 -2.84 -7.66
C LEU A 200 29.83 -1.48 -7.62
N SER A 201 31.16 -1.49 -7.74
CA SER A 201 31.95 -0.26 -7.73
C SER A 201 32.11 0.32 -9.13
N SER A 202 31.21 0.00 -10.05
CA SER A 202 31.27 0.52 -11.41
C SER A 202 29.86 0.57 -11.97
N PRO A 203 29.67 1.19 -13.13
CA PRO A 203 28.33 1.25 -13.71
C PRO A 203 28.15 0.22 -14.82
N VAL A 204 26.95 0.16 -15.40
CA VAL A 204 26.63 -0.77 -16.46
C VAL A 204 25.88 -0.02 -17.55
N THR A 205 25.54 -0.74 -18.62
CA THR A 205 24.82 -0.15 -19.74
C THR A 205 24.13 -1.24 -20.57
N GLU B 1 -17.09 -15.21 14.48
CA GLU B 1 -16.71 -14.72 13.16
C GLU B 1 -17.42 -13.41 12.85
N VAL B 2 -16.66 -12.32 12.79
CA VAL B 2 -17.18 -10.97 12.62
C VAL B 2 -16.58 -10.37 11.37
N GLN B 3 -17.44 -9.78 10.53
CA GLN B 3 -16.99 -9.17 9.28
C GLN B 3 -17.70 -7.85 9.07
N LEU B 4 -17.06 -6.97 8.30
CA LEU B 4 -17.61 -5.68 7.92
C LEU B 4 -17.58 -5.59 6.40
N GLN B 5 -18.75 -5.67 5.77
CA GLN B 5 -18.84 -5.67 4.32
C GLN B 5 -18.94 -4.23 3.82
N GLN B 6 -17.86 -3.75 3.21
CA GLN B 6 -17.82 -2.40 2.67
C GLN B 6 -18.34 -2.41 1.23
N SER B 7 -18.21 -1.28 0.53
CA SER B 7 -18.66 -1.16 -0.84
C SER B 7 -17.48 -1.39 -1.79
N GLY B 8 -17.73 -1.18 -3.08
CA GLY B 8 -16.72 -1.35 -4.10
C GLY B 8 -16.01 -0.06 -4.43
N ALA B 9 -15.06 -0.16 -5.36
CA ALA B 9 -14.28 1.00 -5.76
C ALA B 9 -15.16 2.02 -6.47
N GLU B 10 -14.73 3.28 -6.41
CA GLU B 10 -15.49 4.38 -6.97
C GLU B 10 -14.60 5.22 -7.88
N LEU B 11 -15.25 5.94 -8.80
CA LEU B 11 -14.56 6.90 -9.66
C LEU B 11 -15.50 8.09 -9.84
N VAL B 12 -15.17 9.20 -9.19
CA VAL B 12 -16.02 10.39 -9.20
C VAL B 12 -15.28 11.51 -9.93
N LYS B 13 -16.04 12.56 -10.28
CA LYS B 13 -15.57 13.77 -10.93
C LYS B 13 -15.08 14.79 -9.91
N PRO B 14 -14.10 15.63 -10.28
CA PRO B 14 -13.59 16.62 -9.32
C PRO B 14 -14.65 17.61 -8.88
N GLY B 15 -15.17 17.42 -7.67
CA GLY B 15 -16.19 18.30 -7.11
C GLY B 15 -17.54 17.66 -6.89
N ALA B 16 -17.70 16.38 -7.21
CA ALA B 16 -18.98 15.70 -7.05
C ALA B 16 -19.06 15.03 -5.68
N SER B 17 -20.20 14.41 -5.40
CA SER B 17 -20.45 13.73 -4.14
C SER B 17 -20.40 12.22 -4.34
N VAL B 18 -20.06 11.51 -3.27
CA VAL B 18 -19.93 10.06 -3.31
C VAL B 18 -20.11 9.53 -1.89
N LYS B 19 -20.80 8.39 -1.78
CA LYS B 19 -21.09 7.76 -0.50
C LYS B 19 -20.58 6.32 -0.50
N LEU B 20 -19.96 5.93 0.60
CA LEU B 20 -19.45 4.58 0.80
C LEU B 20 -20.30 3.85 1.83
N SER B 21 -20.13 2.53 1.89
CA SER B 21 -20.92 1.69 2.78
C SER B 21 -20.01 0.80 3.61
N CYS B 22 -20.60 0.20 4.65
CA CYS B 22 -19.87 -0.72 5.53
C CYS B 22 -20.92 -1.53 6.29
N THR B 23 -21.30 -2.67 5.72
CA THR B 23 -22.29 -3.56 6.33
C THR B 23 -21.61 -4.45 7.35
N ALA B 24 -21.92 -4.25 8.63
CA ALA B 24 -21.30 -5.00 9.70
C ALA B 24 -22.10 -6.28 9.98
N SER B 25 -21.41 -7.40 9.99
CA SER B 25 -22.02 -8.70 10.24
C SER B 25 -21.36 -9.37 11.43
N GLY B 26 -22.10 -10.28 12.06
CA GLY B 26 -21.62 -11.00 13.21
C GLY B 26 -21.83 -10.31 14.55
N PHE B 27 -22.36 -9.09 14.56
CA PHE B 27 -22.58 -8.36 15.79
C PHE B 27 -23.57 -7.23 15.51
N ASN B 28 -24.04 -6.61 16.58
CA ASN B 28 -24.94 -5.46 16.49
C ASN B 28 -24.12 -4.18 16.65
N ILE B 29 -24.28 -3.26 15.70
CA ILE B 29 -23.52 -2.02 15.74
C ILE B 29 -23.94 -1.17 16.94
N LYS B 30 -25.18 -1.34 17.42
CA LYS B 30 -25.64 -0.58 18.57
C LYS B 30 -24.86 -0.92 19.84
N ASP B 31 -24.07 -1.99 19.84
CA ASP B 31 -23.25 -2.38 20.98
C ASP B 31 -21.87 -1.76 20.93
N THR B 32 -21.61 -0.84 20.01
CA THR B 32 -20.28 -0.27 19.83
C THR B 32 -20.41 1.03 19.03
N TYR B 33 -19.27 1.60 18.66
CA TYR B 33 -19.20 2.73 17.74
C TYR B 33 -18.69 2.24 16.38
N MET B 34 -18.63 3.16 15.42
CA MET B 34 -18.13 2.85 14.09
C MET B 34 -17.24 3.99 13.63
N HIS B 35 -16.00 3.68 13.26
CA HIS B 35 -15.03 4.67 12.85
C HIS B 35 -14.64 4.45 11.40
N TRP B 36 -14.38 5.56 10.70
CA TRP B 36 -13.85 5.54 9.33
C TRP B 36 -12.45 6.13 9.32
N VAL B 37 -11.56 5.55 8.52
CA VAL B 37 -10.18 5.97 8.42
C VAL B 37 -9.82 6.15 6.96
N LYS B 38 -9.27 7.31 6.62
CA LYS B 38 -8.78 7.60 5.27
C LYS B 38 -7.27 7.39 5.23
N GLN B 39 -6.81 6.67 4.21
CA GLN B 39 -5.38 6.41 4.02
C GLN B 39 -4.98 6.90 2.64
N ARG B 40 -4.25 8.00 2.57
CA ARG B 40 -3.74 8.48 1.30
C ARG B 40 -2.75 7.45 0.73
N PRO B 41 -2.77 7.20 -0.58
CA PRO B 41 -1.91 6.16 -1.15
C PRO B 41 -0.44 6.40 -0.85
N GLU B 42 0.25 5.32 -0.49
CA GLU B 42 1.68 5.34 -0.14
C GLU B 42 1.96 6.22 1.07
N GLN B 43 0.94 6.51 1.88
CA GLN B 43 1.09 7.36 3.05
C GLN B 43 0.47 6.65 4.25
N GLY B 44 0.24 7.40 5.32
CA GLY B 44 -0.27 6.86 6.56
C GLY B 44 -1.77 6.95 6.67
N LEU B 45 -2.27 6.62 7.86
CA LEU B 45 -3.69 6.60 8.14
C LEU B 45 -4.14 7.93 8.72
N GLU B 46 -5.37 8.33 8.39
CA GLU B 46 -5.97 9.58 8.86
C GLU B 46 -7.34 9.28 9.43
N TRP B 47 -7.54 9.59 10.70
CA TRP B 47 -8.82 9.36 11.35
C TRP B 47 -9.85 10.37 10.85
N ILE B 48 -10.99 9.86 10.36
CA ILE B 48 -12.05 10.72 9.83
C ILE B 48 -12.99 11.12 10.96
N GLY B 49 -13.72 10.15 11.50
CA GLY B 49 -14.65 10.44 12.57
C GLY B 49 -15.33 9.18 13.05
N ARG B 50 -16.51 9.36 13.64
CA ARG B 50 -17.28 8.22 14.14
C ARG B 50 -18.74 8.64 14.27
N ILE B 51 -19.58 7.65 14.60
CA ILE B 51 -20.98 7.89 14.88
C ILE B 51 -21.45 6.83 15.88
N ASP B 52 -22.26 7.25 16.83
CA ASP B 52 -22.95 6.29 17.70
C ASP B 52 -24.17 5.77 16.96
N PRO B 53 -24.25 4.47 16.70
CA PRO B 53 -25.40 3.95 15.93
C PRO B 53 -26.74 4.13 16.64
N ALA B 54 -26.75 4.15 17.97
CA ALA B 54 -28.02 4.22 18.70
C ALA B 54 -28.60 5.63 18.68
N ASN B 55 -27.76 6.65 18.79
CA ASN B 55 -28.24 8.03 18.88
C ASN B 55 -27.12 8.97 18.48
N GLY B 56 -27.40 10.27 18.55
CA GLY B 56 -26.45 11.28 18.13
C GLY B 56 -25.28 11.48 19.06
N ASN B 57 -24.14 10.86 18.73
CA ASN B 57 -22.87 11.14 19.38
C ASN B 57 -21.75 11.27 18.35
N THR B 58 -22.08 11.81 17.18
CA THR B 58 -21.18 11.79 16.04
C THR B 58 -20.04 12.78 16.24
N LYS B 59 -18.80 12.29 16.11
CA LYS B 59 -17.62 13.11 16.17
C LYS B 59 -16.84 12.99 14.86
N TYR B 60 -16.15 14.06 14.50
CA TYR B 60 -15.26 14.04 13.34
C TYR B 60 -13.98 14.80 13.71
N ASP B 61 -12.93 14.54 12.95
CA ASP B 61 -11.74 15.36 13.06
C ASP B 61 -12.09 16.79 12.65
N PRO B 62 -11.80 17.79 13.48
CA PRO B 62 -12.16 19.17 13.12
C PRO B 62 -11.65 19.61 11.76
N LYS B 63 -10.53 19.05 11.31
CA LYS B 63 -10.04 19.30 9.95
C LYS B 63 -10.79 18.46 8.91
N PHE B 64 -11.65 17.54 9.33
CA PHE B 64 -12.41 16.72 8.42
C PHE B 64 -13.91 17.03 8.42
N GLN B 65 -14.38 17.88 9.34
CA GLN B 65 -15.80 18.20 9.40
C GLN B 65 -16.21 19.03 8.19
N GLY B 66 -17.48 18.91 7.84
CA GLY B 66 -18.04 19.54 6.65
C GLY B 66 -17.84 18.71 5.40
N LYS B 67 -16.66 18.12 5.25
CA LYS B 67 -16.40 17.24 4.11
C LYS B 67 -16.99 15.85 4.33
N ALA B 68 -16.96 15.37 5.57
CA ALA B 68 -17.42 14.03 5.91
C ALA B 68 -18.77 14.08 6.59
N THR B 69 -19.61 13.08 6.30
CA THR B 69 -20.91 12.93 6.93
C THR B 69 -21.15 11.44 7.13
N ILE B 70 -21.12 11.00 8.39
CA ILE B 70 -21.25 9.59 8.73
C ILE B 70 -22.66 9.34 9.27
N THR B 71 -23.38 8.45 8.61
CA THR B 71 -24.73 8.06 9.01
C THR B 71 -24.74 6.58 9.36
N ALA B 72 -25.90 6.10 9.82
CA ALA B 72 -26.04 4.71 10.22
C ALA B 72 -27.51 4.31 10.16
N ASP B 73 -27.74 3.02 9.92
CA ASP B 73 -29.07 2.45 9.91
C ASP B 73 -29.10 1.34 10.97
N THR B 74 -29.91 1.54 12.00
CA THR B 74 -29.95 0.58 13.11
C THR B 74 -30.49 -0.77 12.65
N SER B 75 -31.54 -0.76 11.83
CA SER B 75 -32.15 -2.01 11.39
C SER B 75 -31.35 -2.69 10.28
N SER B 76 -30.57 -1.92 9.51
CA SER B 76 -29.79 -2.49 8.42
C SER B 76 -28.39 -2.92 8.85
N ASN B 77 -27.92 -2.45 10.01
CA ASN B 77 -26.59 -2.79 10.51
C ASN B 77 -25.50 -2.41 9.52
N THR B 78 -25.64 -1.25 8.91
CA THR B 78 -24.71 -0.76 7.90
C THR B 78 -24.38 0.69 8.17
N ALA B 79 -23.09 1.02 8.18
CA ALA B 79 -22.61 2.38 8.36
C ALA B 79 -22.23 2.97 7.01
N TYR B 80 -22.59 4.23 6.81
CA TYR B 80 -22.35 4.92 5.55
C TYR B 80 -21.46 6.14 5.77
N LEU B 81 -20.70 6.50 4.74
CA LEU B 81 -19.79 7.64 4.78
C LEU B 81 -19.98 8.45 3.50
N GLN B 82 -20.53 9.65 3.63
CA GLN B 82 -20.79 10.53 2.51
C GLN B 82 -19.71 11.61 2.42
N LEU B 83 -19.26 11.89 1.20
CA LEU B 83 -18.25 12.91 0.95
C LEU B 83 -18.78 13.89 -0.09
N SER B 84 -18.19 15.09 -0.09
CA SER B 84 -18.59 16.15 -1.01
C SER B 84 -17.36 16.90 -1.48
N SER B 85 -17.48 17.50 -2.66
CA SER B 85 -16.42 18.30 -3.26
C SER B 85 -15.11 17.51 -3.34
N LEU B 86 -15.18 16.41 -4.09
CA LEU B 86 -14.03 15.52 -4.22
C LEU B 86 -12.92 16.21 -5.01
N THR B 87 -11.70 16.19 -4.47
CA THR B 87 -10.54 16.80 -5.08
C THR B 87 -9.43 15.77 -5.20
N SER B 88 -8.29 16.21 -5.74
CA SER B 88 -7.16 15.29 -5.92
C SER B 88 -6.58 14.82 -4.59
N GLU B 89 -6.62 15.68 -3.56
CA GLU B 89 -6.14 15.27 -2.25
C GLU B 89 -7.04 14.20 -1.63
N ASP B 90 -8.32 14.22 -1.95
CA ASP B 90 -9.27 13.24 -1.42
C ASP B 90 -9.13 11.87 -2.07
N THR B 91 -8.40 11.77 -3.18
CA THR B 91 -8.16 10.48 -3.82
C THR B 91 -7.35 9.58 -2.91
N ALA B 92 -8.02 8.63 -2.26
CA ALA B 92 -7.37 7.76 -1.30
C ALA B 92 -8.21 6.50 -1.10
N VAL B 93 -7.73 5.61 -0.24
CA VAL B 93 -8.43 4.39 0.12
C VAL B 93 -9.02 4.57 1.51
N TYR B 94 -10.29 4.20 1.67
CA TYR B 94 -11.03 4.41 2.91
C TYR B 94 -11.40 3.08 3.53
N PHE B 95 -11.25 2.98 4.84
CA PHE B 95 -11.50 1.75 5.59
C PHE B 95 -12.73 1.92 6.48
N CYS B 96 -12.98 0.91 7.32
CA CYS B 96 -14.11 0.91 8.23
C CYS B 96 -13.79 0.00 9.40
N THR B 97 -14.00 0.50 10.62
CA THR B 97 -13.69 -0.26 11.82
C THR B 97 -14.65 0.14 12.94
N ARG B 98 -14.47 -0.47 14.10
CA ARG B 98 -15.33 -0.23 15.25
C ARG B 98 -14.48 -0.08 16.50
N SER B 99 -15.10 0.39 17.57
CA SER B 99 -14.43 0.55 18.86
C SER B 99 -15.47 0.46 19.96
N ARG B 100 -15.28 -0.47 20.89
CA ARG B 100 -16.22 -0.71 21.98
C ARG B 100 -15.88 0.13 23.23
N GLY B 101 -15.05 1.15 23.08
CA GLY B 101 -14.76 2.02 24.21
C GLY B 101 -13.91 1.31 25.26
N TYR B 102 -14.30 1.49 26.53
CA TYR B 102 -13.51 0.92 27.62
C TYR B 102 -13.69 -0.59 27.70
N PHE B 103 -14.90 -1.09 27.44
CA PHE B 103 -15.15 -2.52 27.56
C PHE B 103 -14.48 -3.32 26.45
N GLY B 104 -14.10 -2.68 25.35
CA GLY B 104 -13.44 -3.37 24.26
C GLY B 104 -11.97 -3.02 24.14
N ASN B 105 -11.41 -2.44 25.22
CA ASN B 105 -10.01 -2.04 25.27
C ASN B 105 -9.64 -1.06 24.15
N TYR B 106 -10.64 -0.31 23.67
CA TYR B 106 -10.46 0.82 22.76
C TYR B 106 -9.94 0.44 21.38
N TYR B 107 -9.01 -0.51 21.31
CA TYR B 107 -8.33 -0.82 20.06
C TYR B 107 -9.31 -1.29 18.99
N PHE B 108 -9.04 -0.90 17.74
CA PHE B 108 -9.84 -1.32 16.60
C PHE B 108 -9.63 -2.82 16.37
N ASP B 109 -10.56 -3.63 16.88
CA ASP B 109 -10.39 -5.08 16.81
C ASP B 109 -10.60 -5.59 15.39
N TYR B 110 -11.77 -5.33 14.81
CA TYR B 110 -12.14 -5.86 13.50
C TYR B 110 -12.27 -4.72 12.50
N TRP B 111 -11.57 -4.87 11.37
CA TRP B 111 -11.54 -3.87 10.31
C TRP B 111 -12.31 -4.38 9.09
N GLY B 112 -12.72 -3.43 8.25
CA GLY B 112 -13.30 -3.78 6.96
C GLY B 112 -12.23 -4.14 5.95
N GLN B 113 -12.68 -4.46 4.73
CA GLN B 113 -11.76 -4.84 3.68
C GLN B 113 -11.09 -3.65 3.00
N GLY B 114 -11.62 -2.45 3.18
CA GLY B 114 -11.04 -1.27 2.55
C GLY B 114 -11.67 -0.95 1.21
N THR B 115 -11.88 0.33 0.94
CA THR B 115 -12.50 0.78 -0.31
C THR B 115 -11.63 1.84 -0.96
N THR B 116 -11.30 1.63 -2.23
CA THR B 116 -10.45 2.55 -2.98
C THR B 116 -11.31 3.56 -3.73
N LEU B 117 -10.95 4.83 -3.64
CA LEU B 117 -11.66 5.91 -4.31
C LEU B 117 -10.68 6.69 -5.19
N THR B 118 -11.16 7.13 -6.35
CA THR B 118 -10.35 7.87 -7.30
C THR B 118 -11.15 9.04 -7.85
N VAL B 119 -10.47 10.17 -8.05
CA VAL B 119 -11.10 11.40 -8.53
C VAL B 119 -10.33 11.90 -9.74
N SER B 120 -11.04 12.07 -10.86
CA SER B 120 -10.46 12.61 -12.08
C SER B 120 -11.59 12.93 -13.05
N SER B 121 -11.22 13.55 -14.17
CA SER B 121 -12.17 13.92 -15.20
C SER B 121 -11.93 13.23 -16.54
N ALA B 122 -10.82 12.51 -16.69
CA ALA B 122 -10.54 11.75 -17.93
C ALA B 122 -10.89 10.29 -17.67
N SER B 123 -12.17 9.99 -17.81
CA SER B 123 -12.71 8.70 -17.40
C SER B 123 -12.80 7.73 -18.56
N THR B 124 -12.65 6.44 -18.24
CA THR B 124 -12.94 5.34 -19.16
C THR B 124 -12.04 5.38 -20.39
N LYS B 125 -10.74 5.26 -20.13
CA LYS B 125 -9.72 5.21 -21.17
C LYS B 125 -9.16 3.79 -21.22
N GLY B 126 -9.35 3.12 -22.36
CA GLY B 126 -8.88 1.77 -22.54
C GLY B 126 -7.37 1.68 -22.63
N PRO B 127 -6.82 0.55 -22.19
CA PRO B 127 -5.35 0.42 -22.18
C PRO B 127 -4.78 0.21 -23.57
N SER B 128 -3.64 0.86 -23.81
CA SER B 128 -2.84 0.64 -25.01
C SER B 128 -1.63 -0.22 -24.66
N VAL B 129 -1.21 -1.06 -25.62
CA VAL B 129 -0.16 -2.03 -25.36
C VAL B 129 1.03 -1.80 -26.27
N PHE B 130 2.09 -2.58 -26.06
CA PHE B 130 3.28 -2.52 -26.91
C PHE B 130 3.87 -3.92 -27.07
N PRO B 134 11.84 -9.29 -27.24
CA PRO B 134 12.95 -10.23 -27.05
C PRO B 134 14.01 -10.11 -28.14
N SER B 135 15.16 -9.53 -27.81
CA SER B 135 16.25 -9.36 -28.77
C SER B 135 17.56 -9.76 -28.10
N SER B 136 18.66 -9.58 -28.83
CA SER B 136 19.97 -9.93 -28.30
C SER B 136 20.39 -9.03 -27.14
N LYS B 137 19.74 -7.88 -26.99
CA LYS B 137 19.99 -6.97 -25.87
C LYS B 137 19.04 -7.19 -24.70
N SER B 138 18.15 -8.18 -24.79
CA SER B 138 17.20 -8.47 -23.72
C SER B 138 17.52 -9.76 -22.98
N THR B 139 18.53 -10.50 -23.41
CA THR B 139 18.93 -11.75 -22.76
C THR B 139 20.15 -11.53 -21.87
N SER B 140 20.36 -12.45 -20.95
CA SER B 140 21.48 -12.35 -20.01
C SER B 140 21.76 -13.73 -19.43
N GLY B 141 22.87 -14.33 -19.86
CA GLY B 141 23.31 -15.62 -19.33
C GLY B 141 22.30 -16.74 -19.46
N GLY B 142 21.88 -17.02 -20.68
CA GLY B 142 20.91 -18.07 -20.93
C GLY B 142 19.49 -17.74 -20.51
N THR B 143 19.23 -16.54 -20.04
CA THR B 143 17.89 -16.11 -19.63
C THR B 143 17.54 -14.83 -20.38
N ALA B 144 16.42 -14.86 -21.10
CA ALA B 144 15.99 -13.74 -21.92
C ALA B 144 14.76 -13.08 -21.30
N ALA B 145 14.76 -11.75 -21.29
CA ALA B 145 13.67 -10.97 -20.71
C ALA B 145 12.71 -10.50 -21.79
N LEU B 146 11.42 -10.61 -21.51
CA LEU B 146 10.37 -10.19 -22.44
C LEU B 146 9.15 -9.77 -21.65
N GLY B 147 8.34 -8.90 -22.24
CA GLY B 147 7.15 -8.44 -21.55
C GLY B 147 6.34 -7.51 -22.42
N CYS B 148 5.28 -6.97 -21.82
CA CYS B 148 4.36 -6.06 -22.47
C CYS B 148 4.33 -4.73 -21.72
N LEU B 149 3.83 -3.69 -22.38
CA LEU B 149 3.75 -2.35 -21.81
C LEU B 149 2.31 -1.86 -21.89
N VAL B 150 1.60 -1.93 -20.77
CA VAL B 150 0.22 -1.45 -20.68
C VAL B 150 0.27 0.05 -20.38
N LYS B 151 -0.05 0.87 -21.37
CA LYS B 151 0.07 2.31 -21.26
C LYS B 151 -1.25 2.99 -21.58
N ASP B 152 -1.46 4.16 -20.97
CA ASP B 152 -2.52 5.08 -21.35
C ASP B 152 -3.91 4.50 -21.02
N TYR B 153 -4.07 4.02 -19.79
CA TYR B 153 -5.34 3.51 -19.32
C TYR B 153 -5.77 4.24 -18.06
N PHE B 154 -7.09 4.20 -17.79
CA PHE B 154 -7.67 4.83 -16.61
C PHE B 154 -9.06 4.26 -16.44
N PRO B 155 -9.46 3.88 -15.21
CA PRO B 155 -8.65 3.94 -14.00
C PRO B 155 -8.04 2.61 -13.60
N GLU B 156 -7.32 2.60 -12.47
CA GLU B 156 -6.67 1.39 -12.00
C GLU B 156 -7.72 0.38 -11.49
N PRO B 157 -7.40 -0.92 -11.53
CA PRO B 157 -6.15 -1.55 -11.98
C PRO B 157 -6.33 -2.36 -13.27
N VAL B 158 -5.22 -2.89 -13.79
CA VAL B 158 -5.23 -3.68 -15.02
C VAL B 158 -4.55 -5.01 -14.73
N THR B 159 -5.33 -6.08 -14.68
CA THR B 159 -4.77 -7.39 -14.40
C THR B 159 -3.98 -7.90 -15.61
N VAL B 160 -2.76 -8.37 -15.37
CA VAL B 160 -1.87 -8.86 -16.41
C VAL B 160 -1.39 -10.24 -16.02
N SER B 161 -1.79 -11.25 -16.76
CA SER B 161 -1.34 -12.63 -16.57
C SER B 161 -0.65 -13.13 -17.82
N TRP B 162 0.16 -14.17 -17.65
CA TRP B 162 0.97 -14.73 -18.74
C TRP B 162 0.50 -16.15 -19.01
N ASN B 163 -0.11 -16.35 -20.19
CA ASN B 163 -0.53 -17.66 -20.67
C ASN B 163 -1.53 -18.33 -19.73
N SER B 164 -2.15 -17.56 -18.84
CA SER B 164 -3.15 -18.07 -17.89
C SER B 164 -2.59 -19.19 -17.03
N GLY B 165 -1.51 -18.87 -16.31
CA GLY B 165 -0.92 -19.79 -15.36
C GLY B 165 0.49 -20.24 -15.68
N ALA B 166 0.96 -20.03 -16.90
CA ALA B 166 2.30 -20.45 -17.27
C ALA B 166 3.32 -19.36 -16.98
N LEU B 167 4.59 -19.77 -16.88
CA LEU B 167 5.69 -18.86 -16.53
C LEU B 167 5.41 -18.16 -15.20
N THR B 168 5.13 -18.96 -14.18
CA THR B 168 4.78 -18.42 -12.87
C THR B 168 5.97 -17.69 -12.24
N SER B 169 7.10 -18.38 -12.11
CA SER B 169 8.28 -17.75 -11.53
C SER B 169 8.91 -16.78 -12.53
N GLY B 170 9.60 -15.79 -11.99
CA GLY B 170 10.22 -14.76 -12.81
C GLY B 170 9.27 -13.70 -13.33
N VAL B 171 8.07 -13.62 -12.80
CA VAL B 171 7.08 -12.63 -13.24
C VAL B 171 7.16 -11.41 -12.33
N HIS B 172 7.19 -10.22 -12.93
CA HIS B 172 7.26 -8.96 -12.19
C HIS B 172 6.33 -7.96 -12.86
N THR B 173 5.12 -7.84 -12.32
CA THR B 173 4.15 -6.83 -12.77
C THR B 173 4.35 -5.59 -11.91
N PHE B 174 5.06 -4.60 -12.45
CA PHE B 174 5.41 -3.43 -11.67
C PHE B 174 4.18 -2.59 -11.36
N PRO B 175 4.17 -1.89 -10.23
CA PRO B 175 3.07 -0.96 -9.95
C PRO B 175 3.06 0.19 -10.92
N ALA B 176 1.86 0.64 -11.25
CA ALA B 176 1.68 1.67 -12.27
C ALA B 176 2.18 3.02 -11.77
N VAL B 177 2.57 3.87 -12.73
CA VAL B 177 3.00 5.23 -12.44
C VAL B 177 1.96 6.20 -13.01
N LEU B 178 1.83 7.34 -12.35
CA LEU B 178 0.90 8.38 -12.79
C LEU B 178 1.66 9.36 -13.66
N GLN B 179 1.55 9.20 -14.98
CA GLN B 179 2.22 10.09 -15.91
C GLN B 179 1.61 11.49 -15.84
N SER B 180 2.40 12.47 -16.26
CA SER B 180 1.94 13.85 -16.28
C SER B 180 0.85 14.10 -17.32
N SER B 181 0.51 13.10 -18.14
CA SER B 181 -0.57 13.23 -19.09
C SER B 181 -1.94 12.97 -18.47
N GLY B 182 -1.99 12.33 -17.31
CA GLY B 182 -3.22 12.02 -16.63
C GLY B 182 -3.60 10.55 -16.67
N LEU B 183 -3.02 9.78 -17.58
CA LEU B 183 -3.31 8.37 -17.71
C LEU B 183 -2.26 7.52 -17.00
N TYR B 184 -2.64 6.29 -16.70
CA TYR B 184 -1.74 5.35 -16.03
C TYR B 184 -0.98 4.51 -17.06
N SER B 185 0.15 3.97 -16.61
CA SER B 185 1.01 3.15 -17.47
C SER B 185 1.93 2.33 -16.60
N LEU B 186 1.84 1.00 -16.71
CA LEU B 186 2.70 0.09 -15.98
C LEU B 186 3.44 -0.83 -16.95
N SER B 187 4.21 -1.75 -16.40
CA SER B 187 4.95 -2.73 -17.18
C SER B 187 4.80 -4.10 -16.53
N SER B 188 5.03 -5.14 -17.33
CA SER B 188 4.94 -6.52 -16.84
C SER B 188 5.88 -7.36 -17.70
N VAL B 189 7.02 -7.73 -17.14
CA VAL B 189 8.04 -8.49 -17.86
C VAL B 189 8.07 -9.92 -17.33
N VAL B 190 8.71 -10.79 -18.10
CA VAL B 190 8.86 -12.20 -17.74
C VAL B 190 10.11 -12.74 -18.42
N THR B 191 10.85 -13.58 -17.70
CA THR B 191 12.14 -14.09 -18.17
C THR B 191 11.98 -15.49 -18.74
N VAL B 192 12.53 -15.71 -19.93
CA VAL B 192 12.47 -17.00 -20.61
C VAL B 192 13.89 -17.49 -20.89
N PRO B 193 14.05 -18.65 -21.54
CA PRO B 193 15.41 -19.17 -21.75
C PRO B 193 16.05 -18.64 -23.03
N SER B 194 17.14 -19.30 -23.45
CA SER B 194 17.94 -18.77 -24.55
C SER B 194 17.13 -18.72 -25.84
N SER B 195 16.65 -19.88 -26.31
CA SER B 195 15.87 -19.95 -27.54
C SER B 195 14.45 -20.45 -27.30
N SER B 196 14.02 -20.54 -26.04
CA SER B 196 12.65 -20.93 -25.73
C SER B 196 11.65 -19.81 -25.94
N LEU B 197 12.12 -18.58 -26.16
CA LEU B 197 11.21 -17.47 -26.41
C LEU B 197 10.47 -17.66 -27.73
N GLY B 198 11.16 -18.14 -28.77
CA GLY B 198 10.51 -18.40 -30.04
C GLY B 198 9.84 -19.75 -30.11
N THR B 199 10.26 -20.71 -29.28
CA THR B 199 9.65 -22.03 -29.29
C THR B 199 8.31 -22.03 -28.54
N GLN B 200 8.35 -21.75 -27.25
CA GLN B 200 7.15 -21.69 -26.44
C GLN B 200 6.48 -20.33 -26.62
N THR B 201 5.21 -20.34 -27.02
CA THR B 201 4.47 -19.11 -27.27
C THR B 201 4.07 -18.47 -25.95
N TYR B 202 4.43 -17.19 -25.79
CA TYR B 202 4.09 -16.42 -24.61
C TYR B 202 3.14 -15.29 -25.00
N ILE B 203 2.17 -15.01 -24.13
CA ILE B 203 1.17 -13.98 -24.38
C ILE B 203 0.78 -13.36 -23.04
N CYS B 204 0.67 -12.03 -23.03
CA CYS B 204 0.27 -11.29 -21.84
C CYS B 204 -1.22 -11.01 -21.91
N ASN B 205 -1.96 -11.47 -20.89
CA ASN B 205 -3.41 -11.30 -20.83
C ASN B 205 -3.70 -10.06 -19.99
N VAL B 206 -3.84 -8.92 -20.65
CA VAL B 206 -4.15 -7.66 -19.99
C VAL B 206 -5.66 -7.46 -19.99
N ASN B 207 -6.25 -7.39 -18.79
CA ASN B 207 -7.69 -7.23 -18.64
C ASN B 207 -7.95 -5.99 -17.79
N HIS B 208 -8.65 -5.01 -18.38
CA HIS B 208 -9.01 -3.77 -17.70
C HIS B 208 -10.51 -3.82 -17.43
N LYS B 209 -10.88 -4.19 -16.21
CA LYS B 209 -12.29 -4.36 -15.87
C LYS B 209 -13.11 -3.07 -15.95
N PRO B 210 -12.62 -1.89 -15.49
CA PRO B 210 -13.44 -0.67 -15.60
C PRO B 210 -13.92 -0.38 -17.02
N SER B 211 -12.98 -0.31 -17.97
CA SER B 211 -13.36 -0.07 -19.36
C SER B 211 -13.79 -1.33 -20.08
N ASN B 212 -13.77 -2.48 -19.40
CA ASN B 212 -14.15 -3.76 -19.99
C ASN B 212 -13.32 -4.07 -21.23
N THR B 213 -12.01 -3.86 -21.11
CA THR B 213 -11.08 -4.03 -22.22
C THR B 213 -10.16 -5.22 -21.92
N LYS B 214 -10.44 -6.35 -22.53
CA LYS B 214 -9.61 -7.54 -22.42
C LYS B 214 -8.76 -7.66 -23.67
N VAL B 215 -7.45 -7.53 -23.52
CA VAL B 215 -6.52 -7.50 -24.63
C VAL B 215 -5.49 -8.62 -24.45
N ASP B 216 -5.40 -9.51 -25.43
CA ASP B 216 -4.40 -10.58 -25.45
C ASP B 216 -3.33 -10.20 -26.48
N LYS B 217 -2.13 -9.88 -25.99
CA LYS B 217 -1.01 -9.50 -26.84
C LYS B 217 0.02 -10.61 -26.85
N ARG B 218 0.49 -10.97 -28.05
CA ARG B 218 1.50 -12.00 -28.22
C ARG B 218 2.87 -11.35 -28.36
N VAL B 219 3.81 -11.79 -27.52
CA VAL B 219 5.18 -11.28 -27.54
C VAL B 219 6.02 -12.22 -28.39
N GLU B 220 6.47 -11.74 -29.55
CA GLU B 220 7.30 -12.53 -30.43
C GLU B 220 8.72 -11.99 -30.47
N PRO B 221 9.72 -12.87 -30.55
CA PRO B 221 11.12 -12.42 -30.53
C PRO B 221 11.45 -11.55 -31.73
N LYS B 222 12.49 -10.74 -31.57
CA LYS B 222 12.95 -9.85 -32.64
C LYS B 222 13.61 -10.64 -33.77
N LYS C 2 -19.95 10.86 24.82
CA LYS C 2 -19.57 9.85 25.80
C LYS C 2 -18.05 9.64 25.79
N ASP C 3 -17.33 10.59 26.37
CA ASP C 3 -15.86 10.54 26.35
C ASP C 3 -15.30 9.63 27.44
N LEU C 4 -15.96 9.56 28.59
CA LEU C 4 -15.41 8.84 29.75
C LEU C 4 -15.29 7.34 29.51
N LEU C 5 -15.85 6.81 28.42
CA LEU C 5 -15.75 5.39 28.13
C LEU C 5 -14.87 5.07 26.93
N GLU C 6 -14.56 6.06 26.08
CA GLU C 6 -13.78 5.82 24.86
C GLU C 6 -12.42 6.48 24.91
N LEU C 7 -11.99 7.01 26.05
CA LEU C 7 -10.70 7.66 26.19
C LEU C 7 -9.79 6.86 27.11
N ASP C 8 -8.49 7.12 26.98
CA ASP C 8 -7.49 6.30 27.67
C ASP C 8 -7.48 6.59 29.17
N LYS C 9 -7.23 7.84 29.55
CA LYS C 9 -7.08 8.17 30.97
C LYS C 9 -8.30 7.76 31.78
N TRP C 10 -9.48 7.78 31.17
CA TRP C 10 -10.71 7.32 31.83
C TRP C 10 -10.87 5.81 31.75
N ALA C 11 -9.80 5.07 31.98
CA ALA C 11 -9.83 3.61 32.13
C ALA C 11 -9.38 3.17 33.50
N SER C 12 -8.29 3.74 34.02
CA SER C 12 -7.90 3.47 35.41
C SER C 12 -8.98 3.88 36.38
N LEU C 13 -9.76 4.90 36.03
CA LEU C 13 -10.92 5.28 36.84
C LEU C 13 -11.98 4.18 36.82
N TRP C 14 -12.34 3.71 35.62
CA TRP C 14 -13.33 2.65 35.51
C TRP C 14 -12.82 1.32 36.04
N ASN C 15 -11.49 1.12 36.06
CA ASN C 15 -10.95 -0.08 36.71
C ASN C 15 -11.24 -0.09 38.20
N TRP C 16 -11.34 1.09 38.81
CA TRP C 16 -11.65 1.18 40.23
C TRP C 16 -13.14 0.97 40.51
N PHE C 17 -14.00 1.15 39.51
CA PHE C 17 -15.41 0.85 39.71
C PHE C 17 -15.67 -0.66 39.71
N ASP C 18 -14.87 -1.42 38.97
CA ASP C 18 -15.05 -2.87 38.91
C ASP C 18 -14.51 -3.58 40.15
N ILE C 19 -13.61 -2.93 40.90
CA ILE C 19 -13.12 -3.48 42.15
C ILE C 19 -13.82 -2.88 43.37
N THR C 20 -14.75 -1.95 43.17
CA THR C 20 -15.51 -1.32 44.24
C THR C 20 -16.99 -1.33 43.91
N ASN C 21 -17.51 -2.49 43.55
CA ASN C 21 -18.93 -2.64 43.26
C ASN C 21 -19.40 -4.07 43.56
#